data_1BYF
#
_entry.id   1BYF
#
_cell.length_a   54.180
_cell.length_b   66.450
_cell.length_c   85.900
_cell.angle_alpha   90.00
_cell.angle_beta   90.00
_cell.angle_gamma   90.00
#
_symmetry.space_group_name_H-M   'P 21 21 21'
#
loop_
_entity.id
_entity.type
_entity.pdbx_description
1 polymer 'PROTEIN (POLYANDROCARPA LECTIN)'
2 non-polymer 'CALCIUM ION'
3 non-polymer 'ZINC ION'
4 non-polymer 'ACETATE ION'
5 non-polymer GLYCEROL
6 water water
#
_entity_poly.entity_id   1
_entity_poly.type   'polypeptide(L)'
_entity_poly.pdbx_seq_one_letter_code
;MDYEILFSDETMNYADAGTYCQSRGMALVSSAMRDSTMVKAILAFTEVKGHDYWVGADNLQDGAYNFLWNDGVSLPTDSD
LWSPNEPSNPQSWQLCVQIWSKYNLLDDVGCGGARRVICEKELDD
;
_entity_poly.pdbx_strand_id   A,B
#
# COMPACT_ATOMS: atom_id res chain seq x y z
N ASP A 2 0.67 -7.27 12.06
CA ASP A 2 0.35 -7.62 10.68
C ASP A 2 -0.93 -6.95 10.20
N TYR A 3 -0.94 -6.54 8.93
CA TYR A 3 -2.09 -5.88 8.38
C TYR A 3 -2.27 -6.06 6.88
N GLU A 4 -3.39 -5.50 6.44
CA GLU A 4 -3.80 -5.27 5.08
C GLU A 4 -3.82 -3.73 4.97
N ILE A 5 -3.08 -3.20 4.01
CA ILE A 5 -3.03 -1.74 3.85
C ILE A 5 -3.45 -1.39 2.43
N LEU A 6 -4.44 -0.51 2.33
CA LEU A 6 -4.95 -0.09 1.02
C LEU A 6 -4.66 1.40 0.84
N PHE A 7 -4.03 1.76 -0.27
CA PHE A 7 -3.73 3.15 -0.59
C PHE A 7 -4.60 3.51 -1.80
N SER A 8 -5.27 4.65 -1.78
CA SER A 8 -6.09 5.04 -2.93
C SER A 8 -5.79 6.45 -3.40
N ASP A 9 -5.64 6.59 -4.72
CA ASP A 9 -5.38 7.87 -5.34
C ASP A 9 -6.64 8.73 -5.41
N GLU A 10 -7.76 8.13 -5.07
CA GLU A 10 -9.05 8.81 -5.01
C GLU A 10 -9.08 9.79 -3.85
N THR A 11 -9.51 11.02 -4.04
CA THR A 11 -9.54 11.97 -2.93
C THR A 11 -10.95 12.19 -2.39
N MET A 12 -11.02 12.53 -1.12
CA MET A 12 -12.25 12.76 -0.40
C MET A 12 -11.98 13.59 0.87
N ASN A 13 -13.10 13.99 1.48
CA ASN A 13 -12.97 14.67 2.78
C ASN A 13 -12.80 13.57 3.82
N TYR A 14 -12.55 13.96 5.05
CA TYR A 14 -12.30 13.02 6.14
C TYR A 14 -13.46 12.08 6.43
N ALA A 15 -14.69 12.61 6.52
CA ALA A 15 -15.83 11.73 6.79
C ALA A 15 -15.93 10.67 5.71
N ASP A 16 -15.87 11.10 4.45
CA ASP A 16 -15.98 10.19 3.32
C ASP A 16 -14.86 9.16 3.29
N ALA A 17 -13.67 9.54 3.75
CA ALA A 17 -12.56 8.59 3.79
C ALA A 17 -12.90 7.47 4.79
N GLY A 18 -13.50 7.83 5.91
CA GLY A 18 -13.87 6.83 6.91
C GLY A 18 -14.85 5.82 6.33
N THR A 19 -15.89 6.32 5.68
CA THR A 19 -16.92 5.50 5.04
C THR A 19 -16.33 4.65 3.92
N TYR A 20 -15.42 5.25 3.17
CA TYR A 20 -14.74 4.57 2.07
C TYR A 20 -14.07 3.30 2.58
N CYS A 21 -13.31 3.44 3.67
CA CYS A 21 -12.61 2.30 4.24
C CYS A 21 -13.59 1.29 4.84
N GLN A 22 -14.57 1.81 5.57
CA GLN A 22 -15.57 0.97 6.22
C GLN A 22 -16.33 0.09 5.23
N SER A 23 -16.68 0.65 4.08
CA SER A 23 -17.42 -0.08 3.07
C SER A 23 -16.60 -1.24 2.50
N ARG A 24 -15.29 -1.20 2.73
CA ARG A 24 -14.39 -2.23 2.25
C ARG A 24 -14.00 -3.22 3.34
N GLY A 25 -14.63 -3.11 4.51
CA GLY A 25 -14.31 -4.00 5.62
C GLY A 25 -13.01 -3.59 6.30
N MET A 26 -12.59 -2.33 6.09
CA MET A 26 -11.35 -1.84 6.68
C MET A 26 -11.62 -0.56 7.48
N ALA A 27 -10.58 0.09 7.96
CA ALA A 27 -10.70 1.32 8.72
C ALA A 27 -9.62 2.32 8.29
N LEU A 28 -9.92 3.61 8.43
CA LEU A 28 -8.91 4.62 8.08
C LEU A 28 -7.67 4.29 8.89
N VAL A 29 -6.50 4.25 8.27
CA VAL A 29 -5.29 3.83 8.96
C VAL A 29 -5.14 4.47 10.34
N SER A 30 -4.82 3.62 11.32
CA SER A 30 -4.66 4.08 12.70
C SER A 30 -3.65 3.24 13.46
N SER A 31 -4.02 2.04 13.90
CA SER A 31 -3.06 1.22 14.65
C SER A 31 -1.81 0.96 13.81
N ALA A 32 -1.93 0.85 12.48
CA ALA A 32 -0.72 0.60 11.70
C ALA A 32 0.24 1.77 11.78
N MET A 33 -0.26 2.97 12.05
CA MET A 33 0.62 4.13 12.17
C MET A 33 1.42 4.10 13.48
N ARG A 34 0.99 3.30 14.43
CA ARG A 34 1.68 3.19 15.72
C ARG A 34 2.62 2.00 15.74
N ASP A 35 2.71 1.30 14.61
CA ASP A 35 3.56 0.12 14.44
C ASP A 35 4.85 0.53 13.76
N SER A 36 5.99 0.38 14.43
CA SER A 36 7.28 0.78 13.92
C SER A 36 7.61 0.31 12.51
N THR A 37 7.34 -0.93 12.16
CA THR A 37 7.65 -1.39 10.80
C THR A 37 6.65 -0.82 9.79
N MET A 38 5.36 -1.01 10.05
CA MET A 38 4.34 -0.57 9.13
C MET A 38 4.30 0.92 8.86
N VAL A 39 4.50 1.75 9.88
CA VAL A 39 4.43 3.20 9.67
C VAL A 39 5.54 3.62 8.71
N LYS A 40 6.71 2.97 8.85
CA LYS A 40 7.80 3.31 7.95
C LYS A 40 7.50 2.81 6.54
N ALA A 41 6.87 1.65 6.40
CA ALA A 41 6.53 1.17 5.06
C ALA A 41 5.49 2.11 4.44
N ILE A 42 4.50 2.45 5.24
CA ILE A 42 3.43 3.35 4.82
C ILE A 42 4.02 4.68 4.40
N LEU A 43 4.89 5.25 5.24
CA LEU A 43 5.49 6.54 4.93
C LEU A 43 6.46 6.45 3.75
N ALA A 44 7.07 5.29 3.50
CA ALA A 44 7.95 5.15 2.35
C ALA A 44 7.14 5.27 1.06
N PHE A 45 5.92 4.75 1.08
CA PHE A 45 5.03 4.81 -0.08
C PHE A 45 4.58 6.25 -0.32
N THR A 46 4.06 6.89 0.74
CA THR A 46 3.57 8.26 0.59
C THR A 46 4.69 9.23 0.25
N GLU A 47 5.91 8.95 0.67
CA GLU A 47 7.03 9.81 0.33
C GLU A 47 7.19 9.87 -1.19
N VAL A 48 7.10 8.71 -1.83
CA VAL A 48 7.27 8.66 -3.28
C VAL A 48 6.13 9.43 -3.94
N LYS A 49 4.92 9.17 -3.47
CA LYS A 49 3.74 9.82 -4.04
C LYS A 49 3.78 11.33 -3.85
N GLY A 50 4.33 11.79 -2.73
CA GLY A 50 4.45 13.21 -2.44
C GLY A 50 3.11 13.92 -2.37
N HIS A 51 2.07 13.22 -1.93
CA HIS A 51 0.75 13.83 -1.81
C HIS A 51 0.20 13.72 -0.39
N ASP A 52 -0.88 14.44 -0.13
CA ASP A 52 -1.53 14.42 1.17
C ASP A 52 -2.44 13.20 1.28
N TYR A 53 -2.47 12.59 2.46
CA TYR A 53 -3.32 11.45 2.73
C TYR A 53 -4.04 11.58 4.07
N TRP A 54 -5.29 11.14 4.14
CA TRP A 54 -5.98 11.16 5.42
C TRP A 54 -5.47 9.98 6.26
N VAL A 55 -5.47 10.14 7.57
CA VAL A 55 -5.16 9.07 8.51
C VAL A 55 -6.32 9.08 9.52
N GLY A 56 -6.49 8.00 10.27
CA GLY A 56 -7.59 7.86 11.19
C GLY A 56 -7.43 8.52 12.54
N ALA A 57 -7.25 9.84 12.59
CA ALA A 57 -7.13 10.54 13.87
C ALA A 57 -7.83 11.89 13.76
N ASP A 58 -8.41 12.32 14.88
CA ASP A 58 -9.13 13.60 14.90
C ASP A 58 -9.38 14.05 16.34
N ASN A 59 -9.90 15.27 16.52
CA ASN A 59 -10.17 15.79 17.85
C ASN A 59 -11.67 15.86 18.13
N LEU A 60 -12.49 15.18 17.34
CA LEU A 60 -13.94 15.28 17.43
C LEU A 60 -14.59 14.83 18.71
N GLN A 61 -14.02 13.88 19.44
CA GLN A 61 -14.64 13.44 20.69
C GLN A 61 -14.29 14.39 21.84
N ASP A 62 -13.01 14.60 22.07
CA ASP A 62 -12.56 15.42 23.19
C ASP A 62 -12.15 16.84 22.88
N GLY A 63 -12.10 17.32 21.64
CA GLY A 63 -11.74 18.66 21.25
C GLY A 63 -10.31 19.11 21.46
N ALA A 64 -10.04 20.36 21.08
CA ALA A 64 -8.73 20.97 21.23
C ALA A 64 -7.63 20.08 20.68
N TYR A 65 -6.57 19.84 21.44
CA TYR A 65 -5.49 18.97 20.97
C TYR A 65 -5.56 17.63 21.70
N ASN A 66 -6.79 17.15 21.89
CA ASN A 66 -7.00 15.82 22.46
C ASN A 66 -7.22 14.88 21.28
N PHE A 67 -6.15 14.72 20.49
CA PHE A 67 -6.26 13.88 19.30
C PHE A 67 -6.44 12.41 19.62
N LEU A 68 -7.39 11.76 18.94
CA LEU A 68 -7.59 10.33 19.14
C LEU A 68 -7.60 9.57 17.81
N TRP A 69 -6.90 8.45 17.81
CA TRP A 69 -6.91 7.53 16.67
C TRP A 69 -8.32 6.93 16.65
N ASN A 70 -8.87 6.52 15.53
CA ASN A 70 -10.22 6.00 15.48
C ASN A 70 -10.46 4.78 16.37
N ASP A 71 -9.40 4.10 16.81
CA ASP A 71 -9.59 2.92 17.66
C ASP A 71 -9.54 3.31 19.14
N GLY A 72 -9.67 4.60 19.41
CA GLY A 72 -9.72 5.13 20.76
C GLY A 72 -8.39 5.42 21.42
N VAL A 73 -7.28 5.05 20.80
CA VAL A 73 -5.96 5.28 21.38
C VAL A 73 -5.54 6.74 21.11
N SER A 74 -4.93 7.35 22.12
CA SER A 74 -4.49 8.73 22.01
C SER A 74 -3.32 8.91 21.06
N LEU A 75 -3.35 9.99 20.30
CA LEU A 75 -2.26 10.41 19.43
C LEU A 75 -1.63 11.58 20.20
N PRO A 76 -0.60 11.30 20.96
CA PRO A 76 0.05 12.29 21.80
C PRO A 76 0.40 13.55 21.04
N THR A 77 0.11 14.70 21.65
CA THR A 77 0.41 15.98 21.00
C THR A 77 1.89 16.14 20.74
N ASP A 78 2.72 15.43 21.50
CA ASP A 78 4.17 15.51 21.33
C ASP A 78 4.75 14.33 20.55
N SER A 79 3.91 13.57 19.85
CA SER A 79 4.38 12.42 19.08
C SER A 79 5.41 12.80 18.03
N ASP A 80 6.39 11.91 17.83
CA ASP A 80 7.40 12.13 16.80
C ASP A 80 6.73 12.07 15.42
N LEU A 81 5.48 11.63 15.35
CA LEU A 81 4.77 11.50 14.09
C LEU A 81 4.41 12.84 13.46
N TRP A 82 4.19 13.86 14.29
CA TRP A 82 3.83 15.18 13.83
C TRP A 82 4.93 15.88 13.03
N SER A 83 4.50 16.65 12.03
CA SER A 83 5.45 17.46 11.28
C SER A 83 5.98 18.52 12.25
N PRO A 84 7.09 19.12 11.91
CA PRO A 84 7.66 20.19 12.71
C PRO A 84 6.63 21.30 12.87
N ASN A 85 6.47 21.76 14.10
CA ASN A 85 5.55 22.83 14.45
C ASN A 85 4.08 22.52 14.25
N GLU A 86 3.70 21.25 14.33
CA GLU A 86 2.29 20.84 14.25
C GLU A 86 2.09 19.92 15.45
N PRO A 87 0.89 19.81 15.98
CA PRO A 87 -0.27 20.51 15.49
C PRO A 87 -0.26 22.00 15.82
N SER A 88 -0.90 22.82 14.98
CA SER A 88 -0.88 24.26 15.24
C SER A 88 -2.15 25.00 14.86
N ASN A 89 -3.18 24.30 14.40
CA ASN A 89 -4.43 24.97 14.01
C ASN A 89 -5.19 25.37 15.27
N PRO A 90 -6.09 26.32 15.15
CA PRO A 90 -6.85 26.81 16.31
C PRO A 90 -7.53 25.67 17.05
N GLN A 91 -7.40 25.60 18.36
CA GLN A 91 -8.01 24.53 19.14
C GLN A 91 -9.53 24.53 19.14
N SER A 92 -10.16 25.61 18.73
CA SER A 92 -11.62 25.66 18.72
C SER A 92 -12.20 24.92 17.53
N TRP A 93 -11.38 24.62 16.53
CA TRP A 93 -11.86 23.93 15.34
C TRP A 93 -11.99 22.42 15.52
N GLN A 94 -12.81 21.84 14.64
CA GLN A 94 -12.90 20.38 14.57
C GLN A 94 -11.67 20.03 13.73
N LEU A 95 -10.70 19.30 14.27
CA LEU A 95 -9.49 19.02 13.54
C LEU A 95 -9.29 17.54 13.21
N CYS A 96 -8.90 17.33 11.96
CA CYS A 96 -8.63 15.99 11.43
C CYS A 96 -7.15 15.88 11.09
N VAL A 97 -6.63 14.66 11.04
CA VAL A 97 -5.20 14.49 10.81
C VAL A 97 -4.91 13.86 9.46
N GLN A 98 -3.88 14.41 8.82
CA GLN A 98 -3.42 13.92 7.54
C GLN A 98 -1.91 13.70 7.58
N ILE A 99 -1.45 13.02 6.53
CA ILE A 99 -0.03 12.89 6.26
C ILE A 99 0.18 14.05 5.26
N TRP A 100 0.82 15.11 5.73
CA TRP A 100 1.05 16.31 4.94
C TRP A 100 2.24 16.19 4.01
N SER A 101 2.03 16.44 2.72
CA SER A 101 3.08 16.27 1.73
C SER A 101 4.30 17.14 1.97
N LYS A 102 4.15 18.27 2.66
CA LYS A 102 5.32 19.13 2.92
C LYS A 102 6.43 18.40 3.65
N TYR A 103 6.09 17.62 4.67
CA TYR A 103 7.08 16.92 5.46
C TYR A 103 6.94 15.40 5.41
N ASN A 104 5.82 14.93 4.90
CA ASN A 104 5.50 13.50 4.86
C ASN A 104 5.39 13.03 6.32
N LEU A 105 4.75 13.89 7.11
CA LEU A 105 4.52 13.67 8.53
C LEU A 105 3.13 14.19 8.87
N LEU A 106 2.63 13.86 10.05
CA LEU A 106 1.27 14.23 10.44
C LEU A 106 1.05 15.72 10.61
N ASP A 107 -0.20 16.12 10.39
CA ASP A 107 -0.58 17.52 10.49
C ASP A 107 -2.07 17.64 10.76
N ASP A 108 -2.46 18.65 11.53
CA ASP A 108 -3.86 18.89 11.81
C ASP A 108 -4.43 19.88 10.78
N VAL A 109 -5.61 19.55 10.27
CA VAL A 109 -6.29 20.36 9.28
C VAL A 109 -7.79 20.37 9.57
N GLY A 110 -8.53 21.22 8.85
CA GLY A 110 -9.99 21.21 8.96
C GLY A 110 -10.42 19.88 8.31
N CYS A 111 -11.67 19.45 8.44
CA CYS A 111 -12.01 18.13 7.89
C CYS A 111 -12.61 18.09 6.51
N GLY A 112 -12.78 19.22 5.81
CA GLY A 112 -13.43 19.23 4.52
C GLY A 112 -12.58 19.14 3.27
N GLY A 113 -11.26 19.24 3.33
CA GLY A 113 -10.44 19.19 2.13
C GLY A 113 -10.33 17.80 1.53
N ALA A 114 -10.16 17.73 0.22
CA ALA A 114 -10.00 16.46 -0.49
C ALA A 114 -8.58 15.94 -0.33
N ARG A 115 -8.43 14.69 0.12
CA ARG A 115 -7.11 14.10 0.24
C ARG A 115 -7.23 12.60 -0.07
N ARG A 116 -6.06 12.01 -0.33
CA ARG A 116 -6.02 10.58 -0.63
C ARG A 116 -6.35 9.79 0.62
N VAL A 117 -6.57 8.49 0.44
CA VAL A 117 -7.00 7.63 1.54
C VAL A 117 -6.12 6.42 1.75
N ILE A 118 -5.93 6.08 3.02
CA ILE A 118 -5.19 4.92 3.46
C ILE A 118 -6.06 4.13 4.44
N CYS A 119 -6.33 2.88 4.10
CA CYS A 119 -7.12 2.03 4.97
C CYS A 119 -6.27 0.87 5.49
N GLU A 120 -6.69 0.35 6.64
CA GLU A 120 -6.01 -0.77 7.27
C GLU A 120 -7.02 -1.85 7.72
N LYS A 121 -6.48 -3.04 7.92
CA LYS A 121 -7.23 -4.16 8.46
C LYS A 121 -6.22 -5.09 9.15
N GLU A 122 -6.32 -5.12 10.48
CA GLU A 122 -5.43 -5.98 11.25
C GLU A 122 -5.70 -7.43 10.86
N LEU A 123 -4.66 -8.25 10.83
CA LEU A 123 -4.82 -9.65 10.48
C LEU A 123 -4.38 -10.51 11.66
N ASP A 124 -5.23 -11.43 12.13
CA ASP A 124 -4.84 -12.28 13.24
C ASP A 124 -4.61 -13.72 12.76
N ASP B 2 -3.11 5.99 -12.23
CA ASP B 2 -3.86 6.07 -10.97
C ASP B 2 -4.43 4.73 -10.51
N TYR B 3 -4.29 4.46 -9.21
CA TYR B 3 -4.71 3.21 -8.66
C TYR B 3 -5.16 3.18 -7.20
N GLU B 4 -5.69 1.99 -6.91
CA GLU B 4 -6.01 1.46 -5.60
C GLU B 4 -4.99 0.32 -5.45
N ILE B 5 -4.12 0.43 -4.47
CA ILE B 5 -3.12 -0.61 -4.25
C ILE B 5 -3.34 -1.21 -2.86
N LEU B 6 -3.48 -2.53 -2.83
CA LEU B 6 -3.69 -3.25 -1.59
C LEU B 6 -2.49 -4.15 -1.28
N PHE B 7 -1.89 -4.01 -0.11
CA PHE B 7 -0.78 -4.85 0.31
C PHE B 7 -1.30 -5.76 1.43
N SER B 8 -1.01 -7.06 1.37
CA SER B 8 -1.48 -7.94 2.44
C SER B 8 -0.33 -8.75 3.04
N ASP B 9 -0.28 -8.79 4.37
CA ASP B 9 0.72 -9.57 5.06
C ASP B 9 0.37 -11.06 5.03
N GLU B 10 -0.86 -11.40 4.62
CA GLU B 10 -1.19 -12.84 4.59
C GLU B 10 -0.57 -13.47 3.35
N THR B 11 -0.02 -14.66 3.53
CA THR B 11 0.66 -15.35 2.43
C THR B 11 -0.19 -16.44 1.79
N MET B 12 0.09 -16.69 0.52
CA MET B 12 -0.61 -17.72 -0.24
C MET B 12 0.17 -18.02 -1.51
N ASN B 13 -0.20 -19.10 -2.18
CA ASN B 13 0.47 -19.46 -3.43
C ASN B 13 0.00 -18.50 -4.52
N TYR B 14 0.55 -18.61 -5.71
CA TYR B 14 0.22 -17.71 -6.80
C TYR B 14 -1.23 -17.77 -7.24
N ALA B 15 -1.77 -18.97 -7.42
CA ALA B 15 -3.15 -19.12 -7.85
C ALA B 15 -4.06 -18.43 -6.82
N ASP B 16 -3.86 -18.75 -5.55
CA ASP B 16 -4.69 -18.18 -4.49
C ASP B 16 -4.54 -16.67 -4.38
N ALA B 17 -3.36 -16.15 -4.69
CA ALA B 17 -3.15 -14.70 -4.66
C ALA B 17 -4.07 -14.05 -5.71
N GLY B 18 -4.15 -14.67 -6.88
CA GLY B 18 -4.99 -14.15 -7.96
C GLY B 18 -6.45 -14.09 -7.51
N THR B 19 -6.94 -15.19 -6.95
CA THR B 19 -8.34 -15.22 -6.52
C THR B 19 -8.57 -14.33 -5.32
N TYR B 20 -7.56 -14.17 -4.46
CA TYR B 20 -7.67 -13.25 -3.32
C TYR B 20 -7.96 -11.85 -3.84
N CYS B 21 -7.20 -11.38 -4.83
CA CYS B 21 -7.40 -10.05 -5.38
C CYS B 21 -8.74 -9.94 -6.11
N GLN B 22 -9.05 -10.96 -6.91
CA GLN B 22 -10.27 -10.99 -7.70
C GLN B 22 -11.51 -10.90 -6.82
N SER B 23 -11.51 -11.60 -5.68
CA SER B 23 -12.66 -11.59 -4.79
C SER B 23 -12.87 -10.20 -4.19
N ARG B 24 -11.86 -9.34 -4.30
CA ARG B 24 -11.95 -7.98 -3.78
C ARG B 24 -12.23 -6.96 -4.87
N GLY B 25 -12.48 -7.41 -6.08
CA GLY B 25 -12.74 -6.50 -7.19
C GLY B 25 -11.44 -5.91 -7.73
N MET B 26 -10.32 -6.56 -7.42
CA MET B 26 -9.01 -6.08 -7.84
C MET B 26 -8.28 -7.18 -8.62
N ALA B 27 -7.03 -6.92 -8.99
CA ALA B 27 -6.22 -7.89 -9.70
C ALA B 27 -4.80 -7.91 -9.12
N LEU B 28 -4.13 -9.05 -9.22
CA LEU B 28 -2.75 -9.14 -8.75
C LEU B 28 -1.96 -8.04 -9.46
N VAL B 29 -1.20 -7.24 -8.73
CA VAL B 29 -0.49 -6.10 -9.30
C VAL B 29 0.17 -6.40 -10.64
N SER B 30 -0.11 -5.56 -11.64
CA SER B 30 0.44 -5.73 -12.97
C SER B 30 0.69 -4.40 -13.68
N SER B 31 -0.35 -3.75 -14.20
CA SER B 31 -0.15 -2.47 -14.88
C SER B 31 0.52 -1.45 -13.96
N ALA B 32 0.23 -1.50 -12.66
CA ALA B 32 0.88 -0.56 -11.75
C ALA B 32 2.39 -0.75 -11.73
N MET B 33 2.86 -1.97 -12.01
CA MET B 33 4.31 -2.21 -12.00
C MET B 33 5.00 -1.61 -13.21
N ARG B 34 4.23 -1.29 -14.24
CA ARG B 34 4.78 -0.72 -15.47
C ARG B 34 4.65 0.80 -15.46
N ASP B 35 4.02 1.32 -14.42
CA ASP B 35 3.82 2.76 -14.27
C ASP B 35 5.01 3.29 -13.47
N SER B 36 5.85 4.13 -14.05
CA SER B 36 7.05 4.57 -13.35
C SER B 36 6.82 5.21 -12.00
N THR B 37 5.79 6.02 -11.78
CA THR B 37 5.59 6.61 -10.46
C THR B 37 5.07 5.57 -9.47
N MET B 38 4.03 4.85 -9.87
CA MET B 38 3.44 3.86 -8.97
C MET B 38 4.42 2.75 -8.56
N VAL B 39 5.16 2.22 -9.52
CA VAL B 39 6.06 1.11 -9.20
C VAL B 39 7.08 1.56 -8.17
N LYS B 40 7.50 2.82 -8.26
CA LYS B 40 8.47 3.37 -7.31
C LYS B 40 7.86 3.39 -5.91
N ALA B 41 6.60 3.75 -5.76
CA ALA B 41 5.94 3.77 -4.46
C ALA B 41 5.74 2.35 -3.92
N ILE B 42 5.31 1.45 -4.80
CA ILE B 42 5.12 0.05 -4.42
C ILE B 42 6.43 -0.54 -3.89
N LEU B 43 7.51 -0.38 -4.64
CA LEU B 43 8.80 -0.93 -4.22
C LEU B 43 9.31 -0.25 -2.95
N ALA B 44 8.95 1.02 -2.73
CA ALA B 44 9.40 1.70 -1.51
C ALA B 44 8.76 1.04 -0.28
N PHE B 45 7.51 0.63 -0.42
CA PHE B 45 6.81 -0.06 0.66
C PHE B 45 7.42 -1.44 0.92
N THR B 46 7.56 -2.24 -0.14
CA THR B 46 8.10 -3.60 0.01
C THR B 46 9.55 -3.57 0.48
N GLU B 47 10.28 -2.51 0.16
CA GLU B 47 11.67 -2.37 0.60
C GLU B 47 11.73 -2.36 2.13
N VAL B 48 10.83 -1.59 2.73
CA VAL B 48 10.78 -1.52 4.20
C VAL B 48 10.38 -2.88 4.76
N LYS B 49 9.35 -3.50 4.17
CA LYS B 49 8.87 -4.79 4.66
C LYS B 49 9.93 -5.87 4.55
N GLY B 50 10.73 -5.84 3.49
CA GLY B 50 11.79 -6.80 3.28
C GLY B 50 11.28 -8.23 3.13
N HIS B 51 10.10 -8.40 2.54
CA HIS B 51 9.53 -9.72 2.35
C HIS B 51 9.24 -10.01 0.87
N ASP B 52 8.97 -11.26 0.55
CA ASP B 52 8.63 -11.66 -0.80
C ASP B 52 7.14 -11.36 -1.06
N TYR B 53 6.83 -10.86 -2.25
CA TYR B 53 5.45 -10.59 -2.62
C TYR B 53 5.13 -11.13 -4.02
N TRP B 54 3.94 -11.68 -4.21
CA TRP B 54 3.55 -12.11 -5.55
C TRP B 54 3.21 -10.86 -6.38
N VAL B 55 3.46 -10.93 -7.68
CA VAL B 55 3.04 -9.87 -8.61
C VAL B 55 2.32 -10.62 -9.73
N GLY B 56 1.54 -9.93 -10.55
CA GLY B 56 0.74 -10.60 -11.57
C GLY B 56 1.42 -10.89 -12.89
N ALA B 57 2.43 -11.76 -12.86
CA ALA B 57 3.11 -12.14 -14.10
C ALA B 57 3.53 -13.61 -13.99
N ASP B 58 3.53 -14.30 -15.14
CA ASP B 58 3.89 -15.71 -15.17
C ASP B 58 4.13 -16.16 -16.61
N ASN B 59 4.62 -17.39 -16.81
CA ASN B 59 4.86 -17.88 -18.16
C ASN B 59 3.87 -18.99 -18.53
N LEU B 60 2.83 -19.15 -17.72
CA LEU B 60 1.89 -20.25 -17.91
C LEU B 60 1.33 -20.39 -19.31
N GLN B 61 1.07 -19.31 -20.01
CA GLN B 61 0.50 -19.41 -21.35
C GLN B 61 1.45 -19.92 -22.41
N ASP B 62 2.50 -19.17 -22.69
CA ASP B 62 3.45 -19.47 -23.75
C ASP B 62 4.72 -20.18 -23.29
N GLY B 63 4.88 -20.32 -21.99
CA GLY B 63 6.02 -21.02 -21.44
C GLY B 63 7.37 -20.35 -21.55
N ALA B 64 8.38 -21.10 -21.11
CA ALA B 64 9.78 -20.65 -21.13
C ALA B 64 9.90 -19.25 -20.52
N TYR B 65 10.62 -18.34 -21.17
CA TYR B 65 10.74 -16.98 -20.64
C TYR B 65 9.82 -16.04 -21.41
N ASN B 66 8.63 -16.53 -21.75
CA ASN B 66 7.63 -15.67 -22.40
C ASN B 66 6.72 -15.16 -21.27
N PHE B 67 7.29 -14.32 -20.41
CA PHE B 67 6.52 -13.84 -19.27
C PHE B 67 5.45 -12.84 -19.67
N LEU B 68 4.25 -13.04 -19.13
CA LEU B 68 3.15 -12.14 -19.41
C LEU B 68 2.51 -11.59 -18.13
N TRP B 69 2.26 -10.27 -18.12
CA TRP B 69 1.52 -9.66 -17.01
C TRP B 69 0.08 -10.19 -17.17
N ASN B 70 -0.69 -10.28 -16.11
CA ASN B 70 -2.03 -10.85 -16.23
C ASN B 70 -2.97 -10.05 -17.12
N ASP B 71 -2.61 -8.84 -17.50
CA ASP B 71 -3.47 -8.07 -18.41
C ASP B 71 -3.01 -8.27 -19.86
N GLY B 72 -2.21 -9.30 -20.09
CA GLY B 72 -1.75 -9.66 -21.41
C GLY B 72 -0.51 -8.97 -21.95
N VAL B 73 -0.02 -7.96 -21.25
CA VAL B 73 1.18 -7.24 -21.70
C VAL B 73 2.42 -8.03 -21.34
N SER B 74 3.39 -8.06 -22.25
CA SER B 74 4.63 -8.76 -22.03
C SER B 74 5.49 -8.13 -20.94
N LEU B 75 6.14 -8.99 -20.17
CA LEU B 75 7.13 -8.58 -19.17
C LEU B 75 8.46 -8.98 -19.82
N PRO B 76 9.10 -8.04 -20.50
CA PRO B 76 10.32 -8.33 -21.24
C PRO B 76 11.36 -9.02 -20.39
N THR B 77 12.01 -10.03 -20.97
CA THR B 77 13.01 -10.81 -20.26
C THR B 77 14.17 -9.93 -19.84
N ASP B 78 14.39 -8.81 -20.53
CA ASP B 78 15.49 -7.92 -20.18
C ASP B 78 15.03 -6.68 -19.43
N SER B 79 13.83 -6.71 -18.86
CA SER B 79 13.32 -5.58 -18.11
C SER B 79 14.22 -5.19 -16.94
N ASP B 80 14.28 -3.90 -16.64
CA ASP B 80 15.03 -3.42 -15.49
C ASP B 80 14.37 -3.85 -14.18
N LEU B 81 13.13 -4.34 -14.27
CA LEU B 81 12.44 -4.74 -13.04
C LEU B 81 13.04 -6.01 -12.46
N TRP B 82 13.74 -6.78 -13.28
CA TRP B 82 14.29 -8.05 -12.80
C TRP B 82 15.47 -7.90 -11.86
N SER B 83 15.53 -8.79 -10.88
CA SER B 83 16.69 -8.84 -9.97
C SER B 83 17.91 -9.22 -10.79
N PRO B 84 19.11 -8.91 -10.29
CA PRO B 84 20.33 -9.28 -10.97
C PRO B 84 20.33 -10.78 -11.27
N ASN B 85 20.67 -11.19 -12.48
CA ASN B 85 20.77 -12.57 -12.87
C ASN B 85 19.47 -13.36 -12.87
N GLU B 86 18.34 -12.68 -13.04
CA GLU B 86 17.02 -13.33 -13.12
C GLU B 86 16.37 -12.75 -14.38
N PRO B 87 15.48 -13.47 -15.03
CA PRO B 87 15.05 -14.79 -14.61
C PRO B 87 16.08 -15.87 -14.88
N SER B 88 16.10 -16.93 -14.08
CA SER B 88 17.11 -17.97 -14.24
C SER B 88 16.63 -19.38 -13.97
N ASN B 89 15.34 -19.56 -13.64
CA ASN B 89 14.89 -20.94 -13.36
C ASN B 89 14.73 -21.68 -14.68
N PRO B 90 14.70 -23.00 -14.64
CA PRO B 90 14.59 -23.80 -15.86
C PRO B 90 13.38 -23.36 -16.66
N GLN B 91 13.62 -23.04 -17.93
CA GLN B 91 12.60 -22.59 -18.84
C GLN B 91 11.47 -23.60 -19.01
N SER B 92 11.72 -24.86 -18.69
CA SER B 92 10.69 -25.89 -18.85
C SER B 92 9.75 -25.93 -17.64
N TRP B 93 10.05 -25.13 -16.61
CA TRP B 93 9.19 -25.10 -15.43
C TRP B 93 8.00 -24.15 -15.66
N GLN B 94 6.98 -24.32 -14.84
CA GLN B 94 5.87 -23.37 -14.82
C GLN B 94 6.40 -22.25 -13.89
N LEU B 95 6.51 -21.03 -14.40
CA LEU B 95 7.10 -19.96 -13.60
C LEU B 95 6.18 -18.79 -13.32
N CYS B 96 6.21 -18.38 -12.06
CA CYS B 96 5.44 -17.26 -11.55
C CYS B 96 6.43 -16.20 -11.08
N VAL B 97 6.00 -14.95 -11.07
CA VAL B 97 6.90 -13.85 -10.71
C VAL B 97 6.57 -13.22 -9.37
N GLN B 98 7.62 -12.99 -8.60
CA GLN B 98 7.52 -12.34 -7.30
C GLN B 98 8.48 -11.14 -7.23
N ILE B 99 8.26 -10.36 -6.19
CA ILE B 99 9.18 -9.31 -5.79
C ILE B 99 9.99 -10.07 -4.73
N TRP B 100 11.23 -10.40 -5.06
CA TRP B 100 12.11 -11.18 -4.19
C TRP B 100 12.82 -10.33 -3.15
N SER B 101 12.67 -10.71 -1.88
CA SER B 101 13.25 -9.93 -0.78
C SER B 101 14.75 -9.71 -0.89
N LYS B 102 15.46 -10.66 -1.49
CA LYS B 102 16.90 -10.51 -1.59
C LYS B 102 17.26 -9.21 -2.30
N TYR B 103 16.48 -8.81 -3.30
CA TYR B 103 16.79 -7.62 -4.07
C TYR B 103 15.63 -6.64 -4.20
N ASN B 104 14.49 -6.98 -3.63
CA ASN B 104 13.32 -6.11 -3.77
C ASN B 104 13.09 -5.81 -5.26
N LEU B 105 13.37 -6.81 -6.09
CA LEU B 105 13.19 -6.74 -7.54
C LEU B 105 12.57 -8.06 -8.02
N LEU B 106 12.13 -8.12 -9.27
CA LEU B 106 11.43 -9.31 -9.77
C LEU B 106 12.29 -10.55 -9.87
N ASP B 107 11.61 -11.69 -9.76
CA ASP B 107 12.26 -12.98 -9.79
C ASP B 107 11.28 -14.07 -10.22
N ASP B 108 11.79 -15.04 -10.96
CA ASP B 108 10.97 -16.17 -11.40
C ASP B 108 11.11 -17.30 -10.37
N VAL B 109 9.98 -17.86 -9.98
CA VAL B 109 9.95 -18.96 -9.05
C VAL B 109 8.86 -19.96 -9.47
N GLY B 110 8.81 -21.10 -8.81
CA GLY B 110 7.75 -22.09 -9.05
C GLY B 110 6.47 -21.43 -8.49
N CYS B 111 5.29 -21.95 -8.79
CA CYS B 111 4.10 -21.23 -8.32
C CYS B 111 3.47 -21.66 -7.01
N GLY B 112 4.03 -22.63 -6.29
CA GLY B 112 3.46 -23.11 -5.07
C GLY B 112 3.87 -22.50 -3.74
N GLY B 113 4.92 -21.69 -3.67
CA GLY B 113 5.35 -21.13 -2.40
C GLY B 113 4.43 -20.05 -1.86
N ALA B 114 4.39 -19.92 -0.53
CA ALA B 114 3.57 -18.90 0.11
C ALA B 114 4.30 -17.55 0.08
N ARG B 115 3.61 -16.53 -0.42
CA ARG B 115 4.19 -15.19 -0.47
C ARG B 115 3.09 -14.17 -0.18
N ARG B 116 3.51 -12.96 0.16
CA ARG B 116 2.54 -11.91 0.42
C ARG B 116 1.89 -11.48 -0.90
N VAL B 117 0.85 -10.67 -0.80
CA VAL B 117 0.06 -10.29 -1.96
C VAL B 117 -0.07 -8.78 -2.13
N ILE B 118 -0.02 -8.37 -3.39
CA ILE B 118 -0.23 -6.99 -3.79
C ILE B 118 -1.32 -6.99 -4.87
N CYS B 119 -2.40 -6.25 -4.64
CA CYS B 119 -3.48 -6.14 -5.60
C CYS B 119 -3.58 -4.70 -6.09
N GLU B 120 -4.15 -4.52 -7.28
CA GLU B 120 -4.34 -3.21 -7.87
C GLU B 120 -5.76 -3.08 -8.45
N LYS B 121 -6.15 -1.84 -8.68
CA LYS B 121 -7.39 -1.49 -9.32
C LYS B 121 -7.21 -0.12 -10.00
N GLU B 122 -7.20 -0.14 -11.32
CA GLU B 122 -7.04 1.11 -12.09
C GLU B 122 -8.21 2.04 -11.73
N LEU B 123 -7.89 3.30 -11.51
CA LEU B 123 -8.94 4.23 -11.11
C LEU B 123 -9.68 4.89 -12.27
N ASP B 124 -10.84 5.31 -11.70
CA ASP B 124 -11.95 5.81 -12.45
C ASP B 124 -13.06 4.80 -12.08
#